data_1LF3
#
_entry.id   1LF3
#
_cell.length_a   53.411
_cell.length_b   39.904
_cell.length_c   91.409
_cell.angle_alpha   90.00
_cell.angle_beta   105.11
_cell.angle_gamma   90.00
#
_symmetry.space_group_name_H-M   'P 1 2 1'
#
loop_
_entity.id
_entity.type
_entity.pdbx_description
1 polymer 'plasmepsin 2'
2 non-polymer N-(1-BENZYL-3-{[3-(1,3-DIOXO-1,3-DIHYDRO-ISOINDOL-2-YL)-PROPIONYL]-[2-(HEXAHYDRO-BENZO[1,3]DIOXOL-5-YL)-ETHYL]-AMINO}-2-HYDROXY-PROPYL)-4-BENZYLOXY-3,5-DIMETHOXY-BENZAMIDE
3 water water
#
_entity_poly.entity_id   1
_entity_poly.type   'polypeptide(L)'
_entity_poly.pdbx_seq_one_letter_code
;LGSSNDNIELVDFQNIMFYGDAEVGDNQQPFTFILDTGSANLWVPSVKCTTAGCLTKHLYDSSKSRTYEKDGTKVEMNYV
SGTVSGFFSKDLVTVGNLSLPYKFIEVIDTNGFEPTYTASTFDGILGLGWKDLSIGSVDPIVVELKNQNKIENALFTFYL
PVHDKHTGFLTIGGIEERFYEGPLTYEKLNHDLYWQITLDAHVGNIMLEKANCIVDSGTSAITVPTDFLNKMLQNLDVIK
VPFLPFYVTLCNNSKLPTFEFTSENGKYTLEPEYYLQHIEDVGPGLCMLNIIGLDFPVPTFILGDPFMRKYFTVFDYDNH
SVGIALAKKNL
;
_entity_poly.pdbx_strand_id   A
#
loop_
_chem_comp.id
_chem_comp.type
_chem_comp.name
_chem_comp.formula
EH5 non-polymer N-(1-BENZYL-3-{[3-(1,3-DIOXO-1,3-DIHYDRO-ISOINDOL-2-YL)-PROPIONYL]-[2-(HEXAHYDRO-BENZO[1,3]DIOXOL-5-YL)-ETHYL]-AMINO}-2-HYDROXY-PROPYL)-4-BENZYLOXY-3,5-DIMETHOXY-BENZAMIDE 'C46 H51 N3 O10'
#
# COMPACT_ATOMS: atom_id res chain seq x y z
N LEU A 1 -0.29 -28.26 9.06
CA LEU A 1 0.91 -28.38 9.94
C LEU A 1 1.81 -27.16 9.79
N GLY A 2 1.54 -26.12 10.58
CA GLY A 2 2.32 -24.90 10.53
C GLY A 2 1.49 -23.73 11.00
N SER A 3 1.57 -22.61 10.28
CA SER A 3 0.80 -21.42 10.63
C SER A 3 -0.58 -21.58 9.99
N SER A 4 -1.62 -21.59 10.82
CA SER A 4 -2.99 -21.72 10.33
C SER A 4 -3.33 -20.57 9.38
N ASN A 5 -2.43 -19.58 9.34
CA ASN A 5 -2.60 -18.38 8.51
C ASN A 5 -1.75 -18.40 7.23
N ASP A 6 -2.19 -17.60 6.27
CA ASP A 6 -1.52 -17.47 4.99
C ASP A 6 -0.53 -16.30 5.07
N ASN A 7 0.76 -16.59 4.90
CA ASN A 7 1.83 -15.58 4.95
C ASN A 7 2.53 -15.43 3.61
N ILE A 8 2.59 -14.21 3.10
CA ILE A 8 3.25 -13.94 1.84
C ILE A 8 4.46 -13.05 2.13
N GLU A 9 5.67 -13.55 1.89
CA GLU A 9 6.84 -12.74 2.16
C GLU A 9 6.91 -11.51 1.25
N LEU A 10 7.33 -10.40 1.82
CA LEU A 10 7.42 -9.13 1.10
C LEU A 10 8.86 -8.63 0.98
N VAL A 11 9.23 -8.26 -0.24
CA VAL A 11 10.57 -7.75 -0.50
C VAL A 11 10.51 -6.25 -0.68
N ASP A 12 11.49 -5.53 -0.15
CA ASP A 12 11.53 -4.09 -0.29
C ASP A 12 12.21 -3.70 -1.60
N PHE A 13 11.74 -2.62 -2.19
CA PHE A 13 12.32 -2.13 -3.42
C PHE A 13 12.67 -0.66 -3.25
N GLN A 14 13.96 -0.41 -2.99
CA GLN A 14 14.50 0.93 -2.81
C GLN A 14 13.79 1.86 -1.83
N ASN A 15 13.16 1.29 -0.81
CA ASN A 15 12.45 2.05 0.22
C ASN A 15 11.25 2.85 -0.31
N ILE A 16 10.83 2.58 -1.54
CA ILE A 16 9.68 3.28 -2.12
C ILE A 16 8.51 2.35 -2.39
N MET A 17 8.80 1.06 -2.54
CA MET A 17 7.78 0.04 -2.79
C MET A 17 8.25 -1.30 -2.25
N PHE A 18 7.32 -2.24 -2.15
CA PHE A 18 7.63 -3.58 -1.71
C PHE A 18 6.67 -4.46 -2.48
N TYR A 19 7.13 -5.64 -2.89
CA TYR A 19 6.29 -6.53 -3.67
C TYR A 19 5.99 -7.87 -3.00
N GLY A 20 5.08 -8.60 -3.64
CA GLY A 20 4.67 -9.91 -3.18
C GLY A 20 4.26 -10.71 -4.42
N ASP A 21 4.43 -12.03 -4.37
CA ASP A 21 4.07 -12.87 -5.51
C ASP A 21 2.75 -13.60 -5.33
N ALA A 22 2.02 -13.72 -6.43
CA ALA A 22 0.74 -14.42 -6.45
C ALA A 22 0.66 -15.09 -7.83
N GLU A 23 -0.23 -16.06 -7.99
CA GLU A 23 -0.36 -16.72 -9.28
C GLU A 23 -1.76 -16.60 -9.86
N VAL A 24 -1.82 -16.76 -11.17
CA VAL A 24 -3.07 -16.72 -11.89
C VAL A 24 -3.08 -17.87 -12.88
N GLY A 25 -4.23 -18.54 -12.97
CA GLY A 25 -4.37 -19.67 -13.88
C GLY A 25 -4.12 -21.05 -13.28
N ASP A 26 -4.88 -22.01 -13.76
CA ASP A 26 -4.78 -23.41 -13.34
C ASP A 26 -3.32 -23.88 -13.28
N ASN A 27 -2.51 -23.39 -14.21
CA ASN A 27 -1.12 -23.78 -14.31
C ASN A 27 -0.12 -22.99 -13.48
N GLN A 28 -0.61 -22.12 -12.59
CA GLN A 28 0.24 -21.33 -11.70
C GLN A 28 1.24 -20.37 -12.36
N GLN A 29 0.76 -19.48 -13.22
CA GLN A 29 1.65 -18.52 -13.87
C GLN A 29 2.00 -17.48 -12.81
N PRO A 30 3.29 -17.32 -12.51
CA PRO A 30 3.87 -16.40 -11.51
C PRO A 30 3.76 -14.92 -11.85
N PHE A 31 3.62 -14.09 -10.82
CA PHE A 31 3.51 -12.63 -11.01
C PHE A 31 3.95 -11.86 -9.78
N THR A 32 4.57 -10.71 -10.02
CA THR A 32 5.03 -9.83 -8.94
C THR A 32 3.97 -8.76 -8.79
N PHE A 33 3.46 -8.59 -7.59
CA PHE A 33 2.41 -7.62 -7.35
C PHE A 33 2.76 -6.51 -6.36
N ILE A 34 2.10 -5.39 -6.52
CA ILE A 34 2.25 -4.28 -5.59
C ILE A 34 0.93 -4.39 -4.81
N LEU A 35 1.03 -4.68 -3.53
CA LEU A 35 -0.16 -4.83 -2.71
C LEU A 35 -0.66 -3.47 -2.27
N ASP A 36 -1.64 -2.97 -3.00
CA ASP A 36 -2.20 -1.65 -2.76
C ASP A 36 -3.50 -1.60 -1.94
N THR A 37 -3.45 -1.08 -0.72
CA THR A 37 -4.68 -0.98 0.07
C THR A 37 -5.44 0.26 -0.39
N GLY A 38 -4.89 0.88 -1.42
CA GLY A 38 -5.47 2.10 -1.96
C GLY A 38 -6.40 1.91 -3.15
N SER A 39 -6.46 0.69 -3.68
CA SER A 39 -7.36 0.41 -4.80
C SER A 39 -8.09 -0.90 -4.48
N ALA A 40 -8.98 -1.33 -5.36
CA ALA A 40 -9.74 -2.55 -5.08
C ALA A 40 -9.88 -3.51 -6.24
N ASN A 41 -8.92 -3.47 -7.16
CA ASN A 41 -8.93 -4.35 -8.33
C ASN A 41 -7.60 -5.04 -8.55
N LEU A 42 -7.68 -6.21 -9.16
CA LEU A 42 -6.49 -6.98 -9.47
C LEU A 42 -6.34 -7.05 -10.96
N TRP A 43 -5.15 -6.75 -11.47
CA TRP A 43 -4.94 -6.85 -12.89
C TRP A 43 -3.54 -7.36 -13.17
N VAL A 44 -3.42 -8.08 -14.28
CA VAL A 44 -2.15 -8.63 -14.71
C VAL A 44 -1.99 -8.28 -16.17
N PRO A 45 -0.75 -8.15 -16.64
CA PRO A 45 -0.58 -7.82 -18.06
C PRO A 45 -0.81 -9.05 -18.92
N SER A 46 -1.45 -8.88 -20.07
CA SER A 46 -1.72 -10.01 -20.96
C SER A 46 -0.62 -10.26 -21.99
N VAL A 47 -0.64 -11.43 -22.63
CA VAL A 47 0.35 -11.73 -23.67
C VAL A 47 -0.13 -10.95 -24.88
N LYS A 48 -1.39 -10.50 -24.81
CA LYS A 48 -1.97 -9.72 -25.88
C LYS A 48 -1.54 -8.26 -25.75
N CYS A 49 -0.98 -7.91 -24.60
CA CYS A 49 -0.51 -6.54 -24.41
C CYS A 49 0.70 -6.38 -25.30
N THR A 50 0.62 -5.41 -26.21
CA THR A 50 1.66 -5.15 -27.18
C THR A 50 2.44 -3.85 -26.97
N THR A 51 2.27 -3.23 -25.80
CA THR A 51 2.98 -1.98 -25.51
C THR A 51 4.36 -2.34 -25.01
N ALA A 52 5.29 -1.40 -25.14
CA ALA A 52 6.67 -1.63 -24.73
C ALA A 52 6.79 -2.07 -23.28
N GLY A 53 6.06 -1.40 -22.38
CA GLY A 53 6.14 -1.75 -20.98
C GLY A 53 6.03 -3.25 -20.77
N CYS A 54 5.02 -3.84 -21.39
CA CYS A 54 4.75 -5.27 -21.29
C CYS A 54 5.84 -6.25 -21.72
N LEU A 55 6.79 -5.80 -22.54
CA LEU A 55 7.84 -6.72 -23.00
C LEU A 55 8.81 -7.14 -21.91
N THR A 56 8.81 -6.42 -20.80
CA THR A 56 9.70 -6.73 -19.69
C THR A 56 9.01 -7.45 -18.52
N LYS A 57 7.69 -7.47 -18.55
CA LYS A 57 6.89 -8.07 -17.50
C LYS A 57 6.53 -9.52 -17.75
N HIS A 58 5.93 -10.16 -16.76
CA HIS A 58 5.46 -11.54 -16.90
C HIS A 58 4.07 -11.42 -17.50
N LEU A 59 3.74 -12.32 -18.42
CA LEU A 59 2.45 -12.25 -19.07
C LEU A 59 1.54 -13.44 -18.90
N TYR A 60 0.26 -13.14 -18.71
CA TYR A 60 -0.78 -14.14 -18.53
C TYR A 60 -1.27 -14.66 -19.88
N ASP A 61 -1.34 -15.99 -20.00
CA ASP A 61 -1.82 -16.61 -21.22
C ASP A 61 -3.00 -17.48 -20.86
N SER A 62 -4.19 -17.03 -21.22
CA SER A 62 -5.40 -17.78 -20.91
C SER A 62 -5.40 -19.14 -21.60
N SER A 63 -4.98 -19.16 -22.86
CA SER A 63 -4.96 -20.40 -23.62
C SER A 63 -4.18 -21.53 -22.92
N LYS A 64 -3.36 -21.17 -21.94
CA LYS A 64 -2.56 -22.15 -21.21
C LYS A 64 -3.27 -22.64 -19.95
N SER A 65 -4.31 -21.91 -19.56
CA SER A 65 -5.07 -22.26 -18.36
C SER A 65 -6.41 -22.89 -18.69
N ARG A 66 -6.59 -24.11 -18.21
CA ARG A 66 -7.80 -24.89 -18.41
C ARG A 66 -9.00 -24.24 -17.72
N THR A 67 -8.75 -23.67 -16.54
CA THR A 67 -9.79 -23.03 -15.76
C THR A 67 -10.12 -21.59 -16.18
N TYR A 68 -9.51 -21.11 -17.26
CA TYR A 68 -9.79 -19.75 -17.72
C TYR A 68 -11.27 -19.65 -18.09
N GLU A 69 -11.87 -18.51 -17.85
CA GLU A 69 -13.27 -18.31 -18.17
C GLU A 69 -13.39 -16.94 -18.79
N LYS A 70 -13.67 -16.92 -20.09
CA LYS A 70 -13.79 -15.66 -20.82
C LYS A 70 -14.97 -14.82 -20.35
N ASP A 71 -14.74 -13.52 -20.34
CA ASP A 71 -15.74 -12.55 -19.96
C ASP A 71 -15.70 -11.52 -21.07
N GLY A 72 -14.53 -10.87 -21.21
CA GLY A 72 -14.32 -9.89 -22.25
C GLY A 72 -14.82 -8.48 -22.03
N THR A 73 -15.46 -8.22 -20.90
CA THR A 73 -15.95 -6.86 -20.65
C THR A 73 -14.79 -5.88 -20.58
N LYS A 74 -14.86 -4.82 -21.38
CA LYS A 74 -13.81 -3.81 -21.41
C LYS A 74 -13.87 -2.96 -20.16
N VAL A 75 -12.70 -2.56 -19.66
CA VAL A 75 -12.60 -1.75 -18.46
C VAL A 75 -11.33 -0.92 -18.44
N GLU A 76 -11.40 0.26 -17.82
CA GLU A 76 -10.27 1.16 -17.71
C GLU A 76 -9.97 1.50 -16.23
N MET A 77 -8.84 1.01 -15.75
CA MET A 77 -8.38 1.20 -14.37
C MET A 77 -7.48 2.42 -14.21
N ASN A 78 -7.90 3.38 -13.39
CA ASN A 78 -7.08 4.59 -13.19
C ASN A 78 -6.66 4.87 -11.76
N TYR A 79 -5.38 5.19 -11.59
CA TYR A 79 -4.82 5.53 -10.29
C TYR A 79 -4.45 7.01 -10.35
N VAL A 80 -3.62 7.46 -9.40
CA VAL A 80 -3.20 8.86 -9.40
C VAL A 80 -2.00 8.98 -10.33
N SER A 81 -1.22 7.90 -10.41
CA SER A 81 -0.03 7.87 -11.25
C SER A 81 -0.21 7.14 -12.58
N GLY A 82 -1.45 7.09 -13.10
CA GLY A 82 -1.65 6.41 -14.37
C GLY A 82 -2.91 5.57 -14.60
N THR A 83 -3.12 5.20 -15.86
CA THR A 83 -4.25 4.40 -16.29
C THR A 83 -3.80 3.18 -17.08
N VAL A 84 -4.61 2.13 -17.03
CA VAL A 84 -4.35 0.89 -17.76
C VAL A 84 -5.71 0.39 -18.16
N SER A 85 -5.82 -0.17 -19.37
CA SER A 85 -7.08 -0.68 -19.85
C SER A 85 -6.93 -2.10 -20.34
N GLY A 86 -8.04 -2.84 -20.30
CA GLY A 86 -8.04 -4.21 -20.74
C GLY A 86 -9.48 -4.67 -20.69
N PHE A 87 -9.67 -5.98 -20.55
CA PHE A 87 -11.02 -6.52 -20.48
C PHE A 87 -11.06 -7.52 -19.35
N PHE A 88 -12.21 -7.68 -18.72
CA PHE A 88 -12.32 -8.63 -17.63
C PHE A 88 -12.09 -10.08 -18.06
N SER A 89 -11.73 -10.89 -17.06
CA SER A 89 -11.46 -12.31 -17.25
C SER A 89 -11.53 -12.95 -15.88
N LYS A 90 -11.80 -14.25 -15.86
CA LYS A 90 -11.89 -14.98 -14.61
C LYS A 90 -11.05 -16.24 -14.76
N ASP A 91 -10.30 -16.56 -13.72
CA ASP A 91 -9.46 -17.74 -13.72
C ASP A 91 -9.01 -17.98 -12.29
N LEU A 92 -8.41 -19.13 -12.04
CA LEU A 92 -7.94 -19.45 -10.70
C LEU A 92 -6.94 -18.37 -10.29
N VAL A 93 -6.90 -18.02 -9.01
CA VAL A 93 -5.98 -17.02 -8.48
C VAL A 93 -5.36 -17.60 -7.22
N THR A 94 -4.04 -17.77 -7.23
CA THR A 94 -3.35 -18.35 -6.08
C THR A 94 -2.52 -17.34 -5.29
N VAL A 95 -2.98 -17.03 -4.09
CA VAL A 95 -2.29 -16.10 -3.23
C VAL A 95 -1.76 -16.88 -2.04
N GLY A 96 -0.47 -17.23 -2.09
CA GLY A 96 0.11 -17.98 -1.00
C GLY A 96 -0.12 -19.47 -1.11
N ASN A 97 -1.29 -19.90 -0.66
CA ASN A 97 -1.66 -21.31 -0.67
C ASN A 97 -3.17 -21.36 -0.69
N LEU A 98 -3.78 -20.20 -0.91
CA LEU A 98 -5.22 -20.08 -1.00
C LEU A 98 -5.51 -19.74 -2.46
N SER A 99 -6.25 -20.62 -3.14
CA SER A 99 -6.58 -20.43 -4.54
C SER A 99 -8.08 -20.25 -4.69
N LEU A 100 -8.51 -19.41 -5.61
CA LEU A 100 -9.93 -19.22 -5.80
C LEU A 100 -10.25 -18.58 -7.14
N PRO A 101 -11.34 -19.03 -7.79
CA PRO A 101 -11.70 -18.45 -9.09
C PRO A 101 -12.05 -17.01 -8.77
N TYR A 102 -11.21 -16.09 -9.22
CA TYR A 102 -11.43 -14.67 -8.97
C TYR A 102 -11.48 -13.93 -10.30
N LYS A 103 -12.12 -12.76 -10.29
CA LYS A 103 -12.24 -11.98 -11.51
C LYS A 103 -11.25 -10.82 -11.50
N PHE A 104 -10.39 -10.78 -12.50
CA PHE A 104 -9.39 -9.74 -12.61
C PHE A 104 -9.46 -9.06 -13.97
N ILE A 105 -8.65 -8.03 -14.14
CA ILE A 105 -8.61 -7.31 -15.39
C ILE A 105 -7.39 -7.79 -16.16
N GLU A 106 -7.56 -8.05 -17.46
CA GLU A 106 -6.45 -8.47 -18.29
C GLU A 106 -6.04 -7.17 -18.97
N VAL A 107 -4.81 -6.74 -18.76
CA VAL A 107 -4.35 -5.49 -19.33
C VAL A 107 -3.60 -5.65 -20.64
N ILE A 108 -4.02 -4.89 -21.65
CA ILE A 108 -3.36 -4.95 -22.94
C ILE A 108 -2.76 -3.59 -23.33
N ASP A 109 -3.18 -2.53 -22.65
CA ASP A 109 -2.66 -1.20 -22.96
C ASP A 109 -2.16 -0.43 -21.73
N THR A 110 -0.83 -0.36 -21.61
CA THR A 110 -0.18 0.33 -20.49
C THR A 110 0.56 1.61 -20.88
N ASN A 111 0.25 2.20 -22.02
CA ASN A 111 0.95 3.41 -22.43
C ASN A 111 0.56 4.62 -21.60
N GLY A 112 -0.46 4.48 -20.78
CA GLY A 112 -0.88 5.59 -19.94
C GLY A 112 -0.46 5.35 -18.52
N PHE A 113 0.50 4.44 -18.33
CA PHE A 113 0.98 4.10 -17.01
C PHE A 113 2.51 4.17 -17.00
N GLU A 114 3.06 4.91 -17.96
CA GLU A 114 4.50 5.12 -18.10
C GLU A 114 4.81 6.54 -17.70
N PRO A 115 6.04 6.81 -17.25
CA PRO A 115 7.17 5.88 -17.09
C PRO A 115 7.10 5.02 -15.83
N THR A 116 6.04 5.21 -15.06
CA THR A 116 5.86 4.48 -13.80
C THR A 116 6.09 2.98 -13.99
N TYR A 117 5.29 2.40 -14.89
CA TYR A 117 5.37 0.97 -15.17
C TYR A 117 6.81 0.51 -15.47
N THR A 118 7.32 0.91 -16.62
CA THR A 118 8.66 0.56 -17.05
C THR A 118 9.73 0.84 -16.00
N ALA A 119 9.59 1.96 -15.30
CA ALA A 119 10.56 2.36 -14.29
C ALA A 119 10.50 1.49 -13.02
N SER A 120 9.36 0.84 -12.80
CA SER A 120 9.19 -0.01 -11.63
C SER A 120 9.40 -1.47 -12.00
N THR A 121 9.55 -2.33 -11.02
CA THR A 121 9.80 -3.75 -11.29
C THR A 121 8.62 -4.73 -11.10
N PHE A 122 7.40 -4.22 -10.94
CA PHE A 122 6.23 -5.09 -10.75
C PHE A 122 5.47 -5.37 -12.04
N ASP A 123 4.64 -6.42 -12.01
CA ASP A 123 3.84 -6.81 -13.16
C ASP A 123 2.44 -6.21 -13.04
N GLY A 124 1.79 -6.44 -11.91
CA GLY A 124 0.46 -5.92 -11.74
C GLY A 124 0.24 -5.39 -10.35
N ILE A 125 -0.99 -4.99 -10.07
CA ILE A 125 -1.32 -4.48 -8.76
C ILE A 125 -2.48 -5.30 -8.23
N LEU A 126 -2.41 -5.58 -6.93
CA LEU A 126 -3.42 -6.37 -6.24
C LEU A 126 -4.07 -5.41 -5.26
N GLY A 127 -5.30 -5.01 -5.53
CA GLY A 127 -6.00 -4.07 -4.67
C GLY A 127 -6.42 -4.76 -3.38
N LEU A 128 -6.51 -3.99 -2.31
CA LEU A 128 -6.90 -4.54 -1.03
C LEU A 128 -7.94 -3.63 -0.38
N GLY A 129 -8.54 -2.77 -1.18
CA GLY A 129 -9.53 -1.86 -0.65
C GLY A 129 -10.89 -2.50 -0.43
N TRP A 130 -11.94 -1.69 -0.50
CA TRP A 130 -13.31 -2.18 -0.32
C TRP A 130 -14.05 -2.19 -1.66
N LYS A 131 -15.07 -3.02 -1.77
CA LYS A 131 -15.87 -3.18 -2.99
C LYS A 131 -16.45 -1.90 -3.59
N ASP A 132 -16.85 -0.94 -2.75
CA ASP A 132 -17.40 0.31 -3.28
C ASP A 132 -16.31 1.08 -4.01
N LEU A 133 -15.06 0.70 -3.77
CA LEU A 133 -13.92 1.36 -4.38
C LEU A 133 -13.46 0.69 -5.68
N SER A 134 -13.95 -0.51 -5.96
CA SER A 134 -13.54 -1.24 -7.15
C SER A 134 -14.39 -1.00 -8.40
N ILE A 135 -13.89 -1.51 -9.52
CA ILE A 135 -14.58 -1.40 -10.81
C ILE A 135 -15.29 -2.71 -11.07
N GLY A 136 -16.56 -2.64 -11.46
CA GLY A 136 -17.32 -3.85 -11.72
C GLY A 136 -17.86 -4.46 -10.45
N SER A 137 -17.73 -3.71 -9.36
CA SER A 137 -18.19 -4.13 -8.04
C SER A 137 -17.72 -5.55 -7.71
N VAL A 138 -16.41 -5.72 -7.56
CA VAL A 138 -15.86 -7.03 -7.24
C VAL A 138 -15.53 -7.12 -5.76
N ASP A 139 -15.97 -8.21 -5.13
CA ASP A 139 -15.69 -8.39 -3.71
C ASP A 139 -14.20 -8.60 -3.51
N PRO A 140 -13.63 -8.04 -2.43
CA PRO A 140 -12.21 -8.17 -2.10
C PRO A 140 -11.85 -9.64 -2.01
N ILE A 141 -10.64 -9.99 -2.41
CA ILE A 141 -10.23 -11.39 -2.36
C ILE A 141 -10.34 -11.92 -0.93
N VAL A 142 -9.79 -11.17 0.01
CA VAL A 142 -9.81 -11.58 1.41
C VAL A 142 -11.22 -11.84 1.90
N VAL A 143 -12.19 -11.13 1.33
CA VAL A 143 -13.58 -11.32 1.71
C VAL A 143 -14.10 -12.59 1.05
N GLU A 144 -13.84 -12.73 -0.26
CA GLU A 144 -14.23 -13.91 -1.01
C GLU A 144 -13.79 -15.15 -0.26
N LEU A 145 -12.48 -15.25 -0.04
CA LEU A 145 -11.87 -16.37 0.66
C LEU A 145 -12.61 -16.71 1.94
N LYS A 146 -13.31 -15.72 2.50
CA LYS A 146 -14.09 -15.92 3.71
C LYS A 146 -15.36 -16.65 3.32
N ASN A 147 -16.12 -16.07 2.39
CA ASN A 147 -17.36 -16.68 1.95
C ASN A 147 -17.13 -18.10 1.42
N GLN A 148 -16.00 -18.30 0.76
CA GLN A 148 -15.66 -19.61 0.21
C GLN A 148 -15.12 -20.50 1.31
N ASN A 149 -15.19 -20.01 2.54
CA ASN A 149 -14.73 -20.75 3.70
C ASN A 149 -13.30 -21.29 3.64
N LYS A 150 -12.36 -20.46 3.21
CA LYS A 150 -10.96 -20.87 3.12
C LYS A 150 -10.16 -20.21 4.26
N ILE A 151 -10.78 -19.22 4.90
CA ILE A 151 -10.19 -18.52 6.03
C ILE A 151 -11.37 -18.21 6.95
N GLU A 152 -11.09 -17.97 8.23
CA GLU A 152 -12.16 -17.69 9.19
C GLU A 152 -12.38 -16.19 9.43
N ASN A 153 -11.32 -15.39 9.30
CA ASN A 153 -11.43 -13.96 9.50
C ASN A 153 -11.20 -13.16 8.23
N ALA A 154 -12.12 -12.29 7.89
CA ALA A 154 -11.96 -11.46 6.73
C ALA A 154 -10.98 -10.35 7.12
N LEU A 155 -9.72 -10.73 7.33
CA LEU A 155 -8.70 -9.75 7.69
C LEU A 155 -7.31 -10.15 7.24
N PHE A 156 -6.47 -9.14 7.06
CA PHE A 156 -5.07 -9.34 6.68
C PHE A 156 -4.24 -8.29 7.39
N THR A 157 -2.96 -8.59 7.57
CA THR A 157 -2.09 -7.67 8.25
C THR A 157 -0.87 -7.40 7.41
N PHE A 158 -0.17 -6.31 7.74
CA PHE A 158 1.05 -5.90 7.05
C PHE A 158 2.17 -5.70 8.05
N TYR A 159 3.31 -6.31 7.78
CA TYR A 159 4.51 -6.14 8.58
C TYR A 159 5.49 -5.74 7.50
N LEU A 160 5.49 -4.46 7.16
CA LEU A 160 6.36 -3.95 6.11
C LEU A 160 7.81 -4.29 6.27
N PRO A 161 8.50 -4.50 5.14
CA PRO A 161 9.92 -4.81 5.24
C PRO A 161 10.59 -3.49 5.55
N VAL A 162 11.86 -3.51 5.90
CA VAL A 162 12.58 -2.27 6.16
C VAL A 162 13.84 -2.32 5.33
N HIS A 163 13.91 -1.46 4.31
CA HIS A 163 15.07 -1.44 3.44
C HIS A 163 16.39 -1.59 4.19
N ASP A 164 17.10 -2.69 3.89
CA ASP A 164 18.40 -2.99 4.49
C ASP A 164 18.39 -3.60 5.87
N LYS A 165 17.22 -3.88 6.41
CA LYS A 165 17.14 -4.44 7.76
C LYS A 165 16.50 -5.83 7.76
N HIS A 166 15.29 -5.91 7.21
CA HIS A 166 14.58 -7.17 7.15
C HIS A 166 13.47 -7.14 6.11
N THR A 167 12.91 -8.30 5.82
CA THR A 167 11.82 -8.40 4.85
C THR A 167 10.50 -8.26 5.60
N GLY A 168 9.41 -8.33 4.85
CA GLY A 168 8.11 -8.19 5.49
C GLY A 168 7.16 -9.34 5.19
N PHE A 169 5.94 -9.21 5.69
CA PHE A 169 4.95 -10.24 5.49
C PHE A 169 3.55 -9.67 5.40
N LEU A 170 2.73 -10.27 4.56
CA LEU A 170 1.33 -9.90 4.45
C LEU A 170 0.72 -11.17 5.01
N THR A 171 -0.18 -11.06 5.96
CA THR A 171 -0.76 -12.26 6.51
C THR A 171 -2.24 -12.20 6.25
N ILE A 172 -2.75 -13.25 5.62
CA ILE A 172 -4.17 -13.32 5.31
C ILE A 172 -4.80 -14.30 6.26
N GLY A 173 -5.85 -13.90 6.95
CA GLY A 173 -6.51 -14.82 7.84
C GLY A 173 -6.52 -14.52 9.32
N GLY A 174 -5.39 -14.11 9.87
CA GLY A 174 -5.34 -13.83 11.29
C GLY A 174 -4.19 -12.96 11.77
N ILE A 175 -4.26 -12.54 13.02
CA ILE A 175 -3.25 -11.68 13.63
C ILE A 175 -2.16 -12.51 14.33
N GLU A 176 -0.91 -12.12 14.16
CA GLU A 176 0.18 -12.85 14.79
C GLU A 176 0.98 -11.97 15.74
N GLU A 177 1.08 -12.38 16.99
CA GLU A 177 1.77 -11.62 18.05
C GLU A 177 3.25 -11.29 17.80
N ARG A 178 3.88 -12.04 16.91
CA ARG A 178 5.31 -11.85 16.61
C ARG A 178 5.68 -10.59 15.84
N PHE A 179 4.72 -9.98 15.15
CA PHE A 179 4.99 -8.79 14.36
C PHE A 179 4.99 -7.49 15.17
N TYR A 180 4.26 -7.47 16.28
CA TYR A 180 4.19 -6.25 17.07
C TYR A 180 4.53 -6.42 18.54
N GLU A 181 4.32 -5.32 19.29
CA GLU A 181 4.55 -5.27 20.72
C GLU A 181 3.84 -4.04 21.28
N GLY A 182 3.50 -4.09 22.56
CA GLY A 182 2.77 -3.00 23.17
C GLY A 182 1.30 -3.25 22.87
N PRO A 183 0.38 -2.39 23.32
CA PRO A 183 -1.02 -2.67 23.02
C PRO A 183 -1.31 -2.61 21.52
N LEU A 184 -2.39 -3.28 21.12
CA LEU A 184 -2.81 -3.29 19.72
C LEU A 184 -4.12 -2.52 19.68
N THR A 185 -4.08 -1.24 19.33
CA THR A 185 -5.28 -0.43 19.28
C THR A 185 -6.08 -0.63 18.00
N TYR A 186 -7.38 -0.38 18.08
CA TYR A 186 -8.27 -0.49 16.93
C TYR A 186 -9.00 0.81 16.72
N GLU A 187 -8.98 1.28 15.47
CA GLU A 187 -9.63 2.50 15.09
C GLU A 187 -10.70 2.12 14.07
N LYS A 188 -11.86 2.76 14.16
CA LYS A 188 -12.96 2.50 13.25
C LYS A 188 -12.83 3.33 11.99
N LEU A 189 -13.38 2.79 10.90
CA LEU A 189 -13.34 3.48 9.62
C LEU A 189 -14.47 4.49 9.59
N ASN A 190 -14.28 5.59 8.89
CA ASN A 190 -15.35 6.59 8.81
C ASN A 190 -16.12 6.38 7.51
N HIS A 191 -15.57 5.54 6.64
CA HIS A 191 -16.16 5.22 5.34
C HIS A 191 -15.66 3.84 4.88
N ASP A 192 -16.59 3.02 4.39
CA ASP A 192 -16.24 1.70 3.87
C ASP A 192 -15.84 1.88 2.40
N LEU A 193 -14.82 2.70 2.18
CA LEU A 193 -14.29 3.00 0.85
C LEU A 193 -12.82 2.59 0.93
N TYR A 194 -12.02 3.48 1.52
CA TYR A 194 -10.59 3.26 1.75
C TYR A 194 -10.50 2.92 3.22
N TRP A 195 -9.32 2.50 3.65
CA TRP A 195 -9.13 2.22 5.06
C TRP A 195 -8.82 3.56 5.69
N GLN A 196 -9.87 4.37 5.82
CA GLN A 196 -9.78 5.70 6.39
C GLN A 196 -10.30 5.81 7.80
N ILE A 197 -9.59 6.57 8.63
CA ILE A 197 -9.96 6.76 10.02
C ILE A 197 -9.78 8.22 10.44
N THR A 198 -10.30 8.57 11.61
CA THR A 198 -10.24 9.93 12.11
C THR A 198 -9.25 10.07 13.27
N LEU A 199 -8.33 11.01 13.16
CA LEU A 199 -7.34 11.25 14.19
C LEU A 199 -7.00 12.73 14.33
N ASP A 200 -6.45 13.07 15.49
CA ASP A 200 -6.03 14.44 15.79
C ASP A 200 -4.54 14.49 15.51
N ALA A 201 -4.11 15.51 14.77
CA ALA A 201 -2.70 15.67 14.43
C ALA A 201 -2.05 16.79 15.22
N HIS A 202 -0.81 16.56 15.65
CA HIS A 202 -0.07 17.58 16.39
C HIS A 202 1.38 17.58 15.92
N VAL A 203 1.88 18.76 15.59
CA VAL A 203 3.27 18.87 15.17
C VAL A 203 3.94 19.88 16.10
N GLY A 204 4.24 21.06 15.60
CA GLY A 204 4.84 22.07 16.47
C GLY A 204 3.71 22.46 17.38
N ASN A 205 3.10 23.61 17.08
CA ASN A 205 1.96 24.09 17.84
C ASN A 205 0.79 23.72 16.95
N ILE A 206 1.12 23.40 15.70
CA ILE A 206 0.16 23.01 14.69
C ILE A 206 -0.73 21.88 15.17
N MET A 207 -2.03 22.07 15.03
CA MET A 207 -3.01 21.05 15.43
C MET A 207 -4.17 20.99 14.46
N LEU A 208 -4.61 19.78 14.16
CA LEU A 208 -5.74 19.59 13.26
C LEU A 208 -6.62 18.52 13.90
N GLU A 209 -7.85 18.91 14.25
CA GLU A 209 -8.78 17.99 14.88
C GLU A 209 -9.64 17.20 13.91
N LYS A 210 -9.94 15.96 14.28
CA LYS A 210 -10.75 15.08 13.45
C LYS A 210 -10.28 15.08 12.00
N ALA A 211 -8.99 14.82 11.81
CA ALA A 211 -8.45 14.76 10.47
C ALA A 211 -8.75 13.39 9.88
N ASN A 212 -8.93 13.33 8.56
CA ASN A 212 -9.20 12.06 7.92
C ASN A 212 -7.90 11.43 7.51
N CYS A 213 -7.62 10.27 8.09
CA CYS A 213 -6.41 9.55 7.79
C CYS A 213 -6.71 8.30 6.97
N ILE A 214 -6.15 8.27 5.77
CA ILE A 214 -6.27 7.15 4.85
C ILE A 214 -4.99 6.37 5.04
N VAL A 215 -5.10 5.06 5.26
CA VAL A 215 -3.90 4.25 5.43
C VAL A 215 -3.64 3.51 4.09
N ASP A 216 -2.60 3.94 3.38
CA ASP A 216 -2.26 3.34 2.09
C ASP A 216 -0.87 2.74 2.00
N SER A 217 -0.80 1.48 1.60
CA SER A 217 0.46 0.77 1.46
C SER A 217 1.12 1.17 0.14
N GLY A 218 0.33 1.70 -0.77
CA GLY A 218 0.85 2.10 -2.07
C GLY A 218 1.32 3.54 -2.18
N THR A 219 1.60 4.18 -1.05
CA THR A 219 2.09 5.55 -1.03
C THR A 219 3.44 5.55 -0.33
N SER A 220 4.51 5.84 -1.08
CA SER A 220 5.86 5.83 -0.52
C SER A 220 6.07 6.84 0.61
N ALA A 221 5.21 7.86 0.66
CA ALA A 221 5.33 8.91 1.66
C ALA A 221 4.11 9.14 2.56
N ILE A 222 4.20 10.21 3.32
CA ILE A 222 3.14 10.66 4.21
C ILE A 222 2.59 11.89 3.51
N THR A 223 1.29 12.00 3.33
CA THR A 223 0.80 13.22 2.70
C THR A 223 0.21 14.09 3.80
N VAL A 224 0.27 15.39 3.58
CA VAL A 224 -0.21 16.37 4.54
C VAL A 224 -0.90 17.49 3.79
N PRO A 225 -1.84 18.17 4.45
CA PRO A 225 -2.51 19.27 3.74
C PRO A 225 -1.41 20.32 3.51
N THR A 226 -1.38 20.95 2.34
CA THR A 226 -0.34 21.93 2.05
C THR A 226 -0.14 22.99 3.15
N ASP A 227 -1.18 23.73 3.46
CA ASP A 227 -1.09 24.75 4.51
C ASP A 227 -0.38 24.20 5.74
N PHE A 228 -0.75 22.98 6.11
CA PHE A 228 -0.19 22.29 7.25
C PHE A 228 1.31 22.07 7.02
N LEU A 229 1.67 21.71 5.79
CA LEU A 229 3.07 21.47 5.46
C LEU A 229 4.00 22.68 5.60
N ASN A 230 3.62 23.81 5.00
CA ASN A 230 4.48 24.99 5.10
C ASN A 230 4.58 25.62 6.48
N LYS A 231 3.48 25.67 7.22
CA LYS A 231 3.53 26.21 8.57
C LYS A 231 4.58 25.39 9.29
N MET A 232 4.61 24.10 8.95
CA MET A 232 5.53 23.14 9.51
C MET A 232 6.97 23.40 9.07
N LEU A 233 7.14 23.79 7.80
CA LEU A 233 8.46 24.03 7.22
C LEU A 233 9.12 25.38 7.48
N GLN A 234 8.40 26.30 8.10
CA GLN A 234 8.98 27.62 8.40
C GLN A 234 10.32 27.48 9.13
N ASN A 235 11.33 28.21 8.66
CA ASN A 235 12.68 28.23 9.23
C ASN A 235 13.54 26.98 9.10
N LEU A 236 12.98 25.82 9.42
CA LEU A 236 13.73 24.57 9.34
C LEU A 236 14.61 24.52 8.07
N ASP A 237 15.85 24.07 8.23
CA ASP A 237 16.79 23.97 7.12
C ASP A 237 16.22 23.17 5.95
N VAL A 238 15.66 23.85 4.95
CA VAL A 238 15.11 23.15 3.79
C VAL A 238 14.78 24.04 2.59
N ILE A 239 15.36 23.72 1.44
CA ILE A 239 15.10 24.50 0.22
C ILE A 239 13.89 23.98 -0.54
N LYS A 240 13.61 24.64 -1.67
CA LYS A 240 12.48 24.28 -2.52
C LYS A 240 12.98 24.10 -3.97
N VAL A 241 12.66 22.97 -4.58
CA VAL A 241 13.06 22.68 -5.96
C VAL A 241 14.53 22.26 -6.08
N PRO A 242 14.96 21.20 -5.36
CA PRO A 242 16.32 20.61 -5.30
C PRO A 242 17.08 20.37 -6.61
N PHE A 243 17.59 19.14 -6.76
CA PHE A 243 18.33 18.70 -7.94
C PHE A 243 17.74 17.33 -8.25
N LEU A 244 17.01 16.83 -7.26
CA LEU A 244 16.29 15.56 -7.29
C LEU A 244 15.15 15.85 -6.29
N PRO A 245 14.41 16.94 -6.55
CA PRO A 245 13.27 17.67 -5.97
C PRO A 245 12.67 17.49 -4.59
N PHE A 246 11.73 18.41 -4.33
CA PHE A 246 10.95 18.55 -3.10
C PHE A 246 11.67 19.21 -1.93
N TYR A 247 11.54 18.63 -0.75
CA TYR A 247 12.19 19.20 0.42
C TYR A 247 13.36 18.36 0.90
N VAL A 248 14.46 19.04 1.16
CA VAL A 248 15.69 18.40 1.64
C VAL A 248 16.23 19.06 2.90
N THR A 249 16.95 18.31 3.71
CA THR A 249 17.49 18.86 4.96
C THR A 249 18.60 18.01 5.54
N LEU A 250 19.44 18.64 6.36
CA LEU A 250 20.50 17.91 6.99
C LEU A 250 19.84 16.95 7.95
N CYS A 251 20.03 15.67 7.67
CA CYS A 251 19.47 14.58 8.46
C CYS A 251 19.61 14.82 9.96
N ASN A 252 20.53 15.71 10.34
CA ASN A 252 20.74 15.99 11.75
C ASN A 252 20.01 17.23 12.27
N ASN A 253 19.17 17.84 11.45
CA ASN A 253 18.44 19.04 11.88
C ASN A 253 17.65 18.74 13.15
N SER A 254 18.07 19.35 14.24
CA SER A 254 17.42 19.14 15.53
C SER A 254 16.10 19.88 15.68
N LYS A 255 15.73 20.63 14.64
CA LYS A 255 14.49 21.40 14.65
C LYS A 255 13.31 20.61 14.09
N LEU A 256 13.60 19.46 13.48
CA LEU A 256 12.57 18.61 12.90
C LEU A 256 11.59 18.12 13.96
N PRO A 257 10.28 18.33 13.72
CA PRO A 257 9.27 17.91 14.68
C PRO A 257 8.88 16.43 14.58
N THR A 258 8.10 16.00 15.57
CA THR A 258 7.60 14.65 15.63
C THR A 258 6.09 14.74 15.48
N PHE A 259 5.53 14.00 14.53
CA PHE A 259 4.10 14.00 14.31
C PHE A 259 3.39 13.32 15.47
N GLU A 260 2.22 13.84 15.80
CA GLU A 260 1.41 13.30 16.88
C GLU A 260 -0.04 13.09 16.43
N PHE A 261 -0.44 11.82 16.44
CA PHE A 261 -1.79 11.43 16.06
C PHE A 261 -2.41 10.78 17.29
N THR A 262 -3.50 11.36 17.77
CA THR A 262 -4.16 10.85 18.95
C THR A 262 -5.63 10.60 18.66
N SER A 263 -6.19 9.60 19.34
CA SER A 263 -7.60 9.26 19.19
C SER A 263 -8.19 9.13 20.58
N GLU A 264 -9.31 8.43 20.67
CA GLU A 264 -9.97 8.24 21.94
C GLU A 264 -9.27 7.11 22.67
N ASN A 265 -8.74 6.16 21.90
CA ASN A 265 -8.08 4.98 22.44
C ASN A 265 -6.60 4.81 22.13
N GLY A 266 -6.02 5.75 21.38
CA GLY A 266 -4.60 5.61 21.07
C GLY A 266 -3.83 6.86 20.72
N LYS A 267 -2.51 6.78 20.87
CA LYS A 267 -1.61 7.87 20.55
C LYS A 267 -0.48 7.25 19.75
N TYR A 268 -0.30 7.71 18.53
CA TYR A 268 0.74 7.19 17.65
C TYR A 268 1.61 8.33 17.18
N THR A 269 2.92 8.13 17.22
CA THR A 269 3.86 9.17 16.82
C THR A 269 4.83 8.68 15.76
N LEU A 270 5.25 9.60 14.90
CA LEU A 270 6.19 9.28 13.86
C LEU A 270 7.35 10.25 14.03
N GLU A 271 8.52 9.74 14.40
CA GLU A 271 9.69 10.58 14.61
C GLU A 271 10.42 10.86 13.30
N PRO A 272 11.25 11.92 13.28
CA PRO A 272 12.00 12.29 12.08
C PRO A 272 12.69 11.11 11.40
N GLU A 273 13.29 10.23 12.19
CA GLU A 273 13.98 9.09 11.60
C GLU A 273 13.08 8.19 10.76
N TYR A 274 11.76 8.39 10.86
CA TYR A 274 10.84 7.58 10.10
C TYR A 274 10.41 8.24 8.80
N TYR A 275 10.35 9.56 8.78
CA TYR A 275 9.97 10.23 7.54
C TYR A 275 11.14 10.88 6.82
N LEU A 276 12.35 10.48 7.16
CA LEU A 276 13.53 11.03 6.50
C LEU A 276 14.25 10.05 5.58
N GLN A 277 14.19 10.32 4.28
CA GLN A 277 14.86 9.51 3.28
C GLN A 277 16.29 10.02 3.31
N HIS A 278 17.26 9.14 3.16
CA HIS A 278 18.67 9.55 3.16
C HIS A 278 19.22 9.84 1.77
N ILE A 279 20.19 10.75 1.74
CA ILE A 279 20.88 11.17 0.52
C ILE A 279 22.18 11.85 0.95
N GLU A 280 22.79 11.28 2.00
CA GLU A 280 24.04 11.77 2.56
C GLU A 280 25.16 11.64 1.52
N ASP A 281 24.97 10.73 0.56
CA ASP A 281 25.96 10.53 -0.48
C ASP A 281 25.98 11.76 -1.36
N VAL A 282 25.11 12.71 -1.02
CA VAL A 282 25.02 13.97 -1.76
C VAL A 282 25.40 15.12 -0.80
N GLY A 283 25.46 14.81 0.49
CA GLY A 283 25.82 15.79 1.50
C GLY A 283 25.86 15.18 2.89
N PRO A 284 27.00 15.29 3.61
CA PRO A 284 27.22 14.76 4.97
C PRO A 284 26.06 15.05 5.92
N GLY A 285 25.09 14.14 5.94
CA GLY A 285 23.92 14.32 6.77
C GLY A 285 22.86 15.03 5.94
N LEU A 286 22.73 14.62 4.68
CA LEU A 286 21.75 15.22 3.77
C LEU A 286 20.55 14.28 3.61
N CYS A 287 19.34 14.82 3.80
CA CYS A 287 18.15 13.99 3.68
C CYS A 287 16.97 14.57 2.93
N MET A 288 16.11 13.66 2.46
CA MET A 288 14.92 13.98 1.68
C MET A 288 13.62 13.87 2.47
N LEU A 289 13.16 14.99 3.00
CA LEU A 289 11.91 15.05 3.76
C LEU A 289 10.89 14.24 2.98
N ASN A 290 10.44 13.14 3.55
CA ASN A 290 9.49 12.26 2.87
C ASN A 290 8.04 12.62 3.18
N ILE A 291 7.72 13.90 3.02
CA ILE A 291 6.39 14.41 3.26
C ILE A 291 5.87 15.21 2.08
N ILE A 292 4.79 14.74 1.47
CA ILE A 292 4.19 15.40 0.33
C ILE A 292 2.97 16.22 0.76
N GLY A 293 2.76 17.34 0.07
CA GLY A 293 1.62 18.19 0.36
C GLY A 293 0.51 17.78 -0.57
N LEU A 294 -0.69 17.59 -0.04
CA LEU A 294 -1.81 17.17 -0.88
C LEU A 294 -3.11 17.57 -0.20
N ASP A 295 -4.00 18.23 -0.96
CA ASP A 295 -5.26 18.66 -0.39
C ASP A 295 -6.46 17.89 -0.95
N PHE A 296 -7.32 17.47 -0.03
CA PHE A 296 -8.54 16.74 -0.36
C PHE A 296 -9.67 17.66 0.07
N PRO A 297 -10.91 17.38 -0.37
CA PRO A 297 -12.04 18.23 0.00
C PRO A 297 -12.02 18.59 1.50
N VAL A 298 -11.74 17.60 2.34
CA VAL A 298 -11.66 17.80 3.79
C VAL A 298 -10.26 17.41 4.25
N PRO A 299 -9.73 18.09 5.29
CA PRO A 299 -8.39 17.80 5.80
C PRO A 299 -8.11 16.29 5.83
N THR A 300 -7.14 15.86 5.03
CA THR A 300 -6.79 14.44 4.93
C THR A 300 -5.29 14.16 4.91
N PHE A 301 -4.87 13.23 5.78
CA PHE A 301 -3.48 12.81 5.87
C PHE A 301 -3.44 11.41 5.27
N ILE A 302 -2.48 11.12 4.40
CA ILE A 302 -2.37 9.76 3.89
C ILE A 302 -1.21 9.11 4.63
N LEU A 303 -1.54 8.17 5.51
CA LEU A 303 -0.52 7.47 6.28
C LEU A 303 0.04 6.33 5.46
N GLY A 304 1.09 6.64 4.70
CA GLY A 304 1.74 5.69 3.84
C GLY A 304 2.81 4.85 4.51
N ASP A 305 3.69 4.28 3.69
CA ASP A 305 4.76 3.42 4.18
C ASP A 305 5.55 3.97 5.37
N PRO A 306 5.89 5.26 5.37
CA PRO A 306 6.64 5.79 6.51
C PRO A 306 5.98 5.43 7.83
N PHE A 307 4.65 5.45 7.83
CA PHE A 307 3.87 5.12 9.01
C PHE A 307 3.76 3.60 9.20
N MET A 308 3.43 2.91 8.12
CA MET A 308 3.28 1.47 8.19
C MET A 308 4.60 0.75 8.41
N ARG A 309 5.70 1.47 8.32
CA ARG A 309 7.01 0.86 8.52
C ARG A 309 7.29 0.81 10.02
N LYS A 310 6.82 1.82 10.74
CA LYS A 310 7.00 1.89 12.18
C LYS A 310 5.92 1.13 12.91
N TYR A 311 4.70 1.24 12.39
CA TYR A 311 3.56 0.58 13.02
C TYR A 311 2.99 -0.59 12.27
N PHE A 312 2.79 -1.70 12.99
CA PHE A 312 2.20 -2.88 12.41
C PHE A 312 0.71 -2.54 12.25
N THR A 313 0.10 -2.97 11.16
CA THR A 313 -1.29 -2.66 10.95
C THR A 313 -2.12 -3.86 10.53
N VAL A 314 -3.36 -3.89 11.02
CA VAL A 314 -4.28 -4.96 10.71
C VAL A 314 -5.50 -4.30 10.10
N PHE A 315 -6.01 -4.91 9.04
CA PHE A 315 -7.18 -4.40 8.32
C PHE A 315 -8.27 -5.42 8.53
N ASP A 316 -9.41 -4.98 9.06
CA ASP A 316 -10.50 -5.90 9.37
C ASP A 316 -11.79 -5.61 8.63
N TYR A 317 -12.17 -6.52 7.74
CA TYR A 317 -13.40 -6.35 6.97
C TYR A 317 -14.60 -6.71 7.82
N ASP A 318 -14.40 -7.64 8.74
CA ASP A 318 -15.47 -8.08 9.61
C ASP A 318 -15.83 -6.99 10.61
N ASN A 319 -14.84 -6.49 11.35
CA ASN A 319 -15.08 -5.44 12.36
C ASN A 319 -14.78 -4.04 11.82
N HIS A 320 -14.92 -3.85 10.51
CA HIS A 320 -14.68 -2.56 9.87
C HIS A 320 -13.73 -1.64 10.61
N SER A 321 -12.45 -1.98 10.66
CA SER A 321 -11.52 -1.13 11.35
C SER A 321 -10.06 -1.44 11.05
N VAL A 322 -9.20 -0.51 11.43
CA VAL A 322 -7.77 -0.67 11.23
C VAL A 322 -7.15 -0.77 12.61
N GLY A 323 -6.41 -1.85 12.84
CA GLY A 323 -5.76 -2.02 14.12
C GLY A 323 -4.32 -1.57 13.99
N ILE A 324 -3.82 -0.93 15.03
CA ILE A 324 -2.46 -0.42 15.02
C ILE A 324 -1.70 -0.82 16.26
N ALA A 325 -0.44 -1.16 16.07
CA ALA A 325 0.43 -1.57 17.16
C ALA A 325 1.86 -1.24 16.77
N LEU A 326 2.73 -1.19 17.77
CA LEU A 326 4.15 -0.88 17.59
C LEU A 326 4.85 -2.08 16.93
N ALA A 327 5.20 -1.94 15.64
CA ALA A 327 5.85 -3.02 14.93
C ALA A 327 7.20 -3.38 15.51
N LYS A 328 7.46 -4.67 15.66
CA LYS A 328 8.75 -5.11 16.19
C LYS A 328 9.84 -4.69 15.23
N LYS A 329 11.01 -4.35 15.77
CA LYS A 329 12.12 -3.91 14.94
C LYS A 329 12.81 -5.05 14.19
N ASN A 330 12.74 -6.26 14.74
CA ASN A 330 13.38 -7.40 14.08
C ASN A 330 12.75 -8.76 14.33
N LEU A 331 11.56 -8.79 14.91
CA LEU A 331 10.88 -10.05 15.18
C LEU A 331 11.49 -10.78 16.38
CA EH5 B . -1.40 4.06 -5.91
CB EH5 B . -0.79 2.65 -6.00
CG EH5 B . 0.36 2.55 -6.93
CD1 EH5 B . 0.22 2.92 -8.30
CD2 EH5 B . 1.58 2.10 -6.47
CE1 EH5 B . 1.32 2.83 -9.16
CE2 EH5 B . 2.69 2.01 -7.35
CZ EH5 B . 2.55 2.37 -8.68
N2 EH5 B . -0.36 4.92 -5.49
C1 EH5 B . -2.56 4.11 -4.90
CB1 EH5 B . -2.88 5.57 -4.60
N1 EH5 B . -4.33 5.61 -4.56
O1 EH5 B . -2.20 3.47 -3.64
C3 EH5 B . -4.91 5.52 -3.21
C4 EH5 B . -4.85 6.66 -2.23
C2 EH5 B . -4.98 5.76 -5.78
C6 EH5 B . -6.49 5.78 -5.77
O2 EH5 B . -4.37 5.88 -6.87
C7 EH5 B . -7.10 5.54 -7.11
C5 EH5 B . 0.16 5.94 -6.16
O3 EH5 B . -0.17 6.32 -7.32
C10 EH5 B . -13.12 6.54 -6.61
C22 EH5 B . -12.15 5.49 -6.71
C14 EH5 B . -10.78 5.87 -6.82
C18 EH5 B . -10.38 7.22 -6.81
C32 EH5 B . -11.31 8.28 -6.70
C26 EH5 B . -12.68 7.95 -6.60
C30 EH5 B . -9.61 5.10 -6.93
N3 EH5 B . -8.50 5.95 -6.99
C9 EH5 B . -9.02 7.23 -6.92
O7 EH5 B . -8.34 8.28 -6.94
O4 EH5 B . -9.56 3.85 -6.97
C11 EH5 B . -3.87 8.74 -3.21
C23 EH5 B . -3.97 10.06 -3.81
C15 EH5 B . -5.24 10.61 -4.04
C19 EH5 B . -6.41 9.88 -3.69
C33 EH5 B . -6.30 8.55 -3.09
C27 EH5 B . -5.02 7.99 -2.85
O5 EH5 B . -5.60 11.79 -4.57
C8 EH5 B . -6.97 11.79 -4.55
O8 EH5 B . -7.50 10.64 -4.01
C12 EH5 B . 3.22 7.82 -4.01
C24 EH5 B . 3.46 6.61 -4.74
C16 EH5 B . 2.45 6.01 -5.44
C20 EH5 B . 1.15 6.57 -5.45
C34 EH5 B . 0.87 7.75 -4.72
C28 EH5 B . 1.89 8.39 -3.99
O10 EH5 B . 4.37 8.47 -3.55
O9 EH5 B . 4.70 5.97 -4.82
O6 EH5 B . 1.45 9.55 -3.31
C31 EH5 B . 0.96 10.70 -3.96
C37 EH5 B . 4.95 4.68 -4.34
C36 EH5 B . 4.86 9.32 -4.68
C13 EH5 B . 4.37 9.45 -9.11
C25 EH5 B . 5.49 8.85 -8.54
C17 EH5 B . 5.63 8.81 -7.13
C21 EH5 B . 4.66 9.38 -6.26
C35 EH5 B . 3.52 10.00 -6.87
C29 EH5 B . 3.37 10.02 -8.29
#